data_4K8H
#
_entry.id   4K8H
#
_cell.length_a   141.443
_cell.length_b   141.443
_cell.length_c   42.851
_cell.angle_alpha   90.00
_cell.angle_beta   90.00
_cell.angle_gamma   90.00
#
_symmetry.space_group_name_H-M   'P 43 21 2'
#
loop_
_entity.id
_entity.type
_entity.pdbx_description
1 polymer 'NADPH dehydrogenase 1'
2 non-polymer 'FLAVIN MONONUCLEOTIDE'
3 non-polymer 'CHLORIDE ION'
4 non-polymer (5R)-2-methyl-5-(prop-1-en-2-yl)cyclohex-2-en-1-one
5 non-polymer 'SODIUM ION'
6 non-polymer 'TRIETHYLENE GLYCOL'
7 non-polymer 'PENTAETHYLENE GLYCOL'
8 water water
#
_entity_poly.entity_id   1
_entity_poly.type   'polypeptide(L)'
_entity_poly.pdbx_seq_one_letter_code
;MSFVKDFKPQALGDTNLFKPIKIGNNELLHRAVIPPLTRMRALHPGNIPNRDWAVEYYTQRAQRPGTMIITEGAFISPQA
GGYDNAPGVWSEEQMVEWTKIFNAIHEKKSFVWVQLVVLGWAAFPDNLARDGLRYDSASDNVFMDAEQEAKAKKANNPQH
SLTKDEIKQYIKEYVQAAKNSIAAGADGVEIHSANGYLLNQFLDPHSNTRTDEYGGSIENRARFTLEVVDALVEAIGHEK
VGLRLSPYGVFNSMSGGAETGIVAQYAYVAGELEKRAKAGKRLAFVHLVEPRVTNPFLTEGEGEYEGGSNDFVYSIWKGP
VIRAGNFALHPEVVREEVKDKRTLIGYGRFFISNPDLVDRLEKGLPLNKYDRDTFYQMSAHGYIDYPTYEEALKLGWDKK
;
_entity_poly.pdbx_strand_id   A
#
loop_
_chem_comp.id
_chem_comp.type
_chem_comp.name
_chem_comp.formula
07V non-polymer (5R)-2-methyl-5-(prop-1-en-2-yl)cyclohex-2-en-1-one 'C10 H14 O'
1PE non-polymer 'PENTAETHYLENE GLYCOL' 'C10 H22 O6'
CL non-polymer 'CHLORIDE ION' 'Cl -1'
FMN non-polymer 'FLAVIN MONONUCLEOTIDE' 'C17 H21 N4 O9 P'
NA non-polymer 'SODIUM ION' 'Na 1'
PGE non-polymer 'TRIETHYLENE GLYCOL' 'C6 H14 O4'
#
# COMPACT_ATOMS: atom_id res chain seq x y z
N SER A 2 9.44 -24.15 -5.92
CA SER A 2 10.34 -24.15 -7.10
C SER A 2 10.61 -22.73 -7.59
N PHE A 3 11.56 -22.62 -8.51
CA PHE A 3 11.86 -21.34 -9.13
C PHE A 3 10.88 -21.11 -10.28
N VAL A 4 10.63 -19.84 -10.62
CA VAL A 4 9.78 -19.52 -11.76
C VAL A 4 10.43 -20.06 -13.03
N LYS A 5 9.67 -20.86 -13.78
CA LYS A 5 10.26 -21.74 -14.77
C LYS A 5 10.92 -21.02 -15.94
N ASP A 6 10.23 -20.07 -16.54
CA ASP A 6 10.67 -19.56 -17.84
C ASP A 6 11.35 -18.19 -17.70
N PHE A 7 11.55 -17.76 -16.47
CA PHE A 7 12.10 -16.45 -16.20
C PHE A 7 13.58 -16.37 -16.55
N LYS A 8 13.96 -15.31 -17.24
CA LYS A 8 15.35 -15.04 -17.57
C LYS A 8 15.84 -13.83 -16.75
N PRO A 9 16.48 -14.10 -15.61
CA PRO A 9 16.90 -12.99 -14.73
C PRO A 9 17.95 -12.11 -15.37
N GLN A 10 18.03 -10.88 -14.86
CA GLN A 10 19.03 -9.90 -15.21
C GLN A 10 19.62 -9.37 -13.91
N ALA A 11 20.93 -9.26 -13.83
CA ALA A 11 21.56 -8.59 -12.70
C ALA A 11 21.33 -7.09 -12.83
N LEU A 12 20.77 -6.47 -11.79
CA LEU A 12 20.43 -5.05 -11.83
C LEU A 12 21.36 -4.21 -10.96
N GLY A 13 22.42 -4.84 -10.48
CA GLY A 13 23.38 -4.14 -9.64
C GLY A 13 24.08 -2.98 -10.33
N ASP A 14 24.12 -2.97 -11.65
CA ASP A 14 24.74 -1.87 -12.38
C ASP A 14 23.77 -0.73 -12.72
N THR A 15 22.60 -0.75 -12.10
CA THR A 15 21.61 0.29 -12.35
C THR A 15 21.36 1.10 -11.08
N ASN A 16 20.62 2.20 -11.23
CA ASN A 16 20.24 3.02 -10.08
C ASN A 16 19.40 2.31 -9.02
N LEU A 17 18.89 1.12 -9.33
CA LEU A 17 18.18 0.34 -8.32
C LEU A 17 19.11 0.10 -7.12
N PHE A 18 20.41 0.10 -7.36
CA PHE A 18 21.40 -0.12 -6.31
C PHE A 18 22.21 1.11 -5.94
N LYS A 19 21.64 2.29 -6.21
CA LYS A 19 22.20 3.54 -5.73
C LYS A 19 21.41 3.98 -4.50
N PRO A 20 22.11 4.42 -3.47
CA PRO A 20 21.42 4.88 -2.25
C PRO A 20 20.53 6.09 -2.55
N ILE A 21 19.53 6.29 -1.70
CA ILE A 21 18.60 7.42 -1.82
C ILE A 21 18.01 7.68 -0.43
N LYS A 22 17.73 8.94 -0.12
CA LYS A 22 17.09 9.29 1.13
C LYS A 22 15.58 9.43 0.91
N ILE A 23 14.79 8.74 1.74
CA ILE A 23 13.35 8.86 1.74
C ILE A 23 12.93 9.28 3.14
N GLY A 24 12.39 10.48 3.27
CA GLY A 24 12.05 11.01 4.58
C GLY A 24 13.33 11.09 5.38
N ASN A 25 13.31 10.54 6.57
CA ASN A 25 14.49 10.52 7.43
C ASN A 25 15.44 9.36 7.17
N ASN A 26 15.11 8.50 6.21
CA ASN A 26 15.79 7.22 6.03
C ASN A 26 16.77 7.16 4.86
N GLU A 27 18.01 6.81 5.17
CA GLU A 27 19.01 6.59 4.14
C GLU A 27 18.90 5.15 3.60
N LEU A 28 18.12 4.98 2.54
CA LEU A 28 18.01 3.68 1.87
CA LEU A 28 18.03 3.68 1.89
C LEU A 28 19.30 3.34 1.16
N LEU A 29 19.66 2.07 1.16
CA LEU A 29 20.88 1.65 0.49
C LEU A 29 20.64 1.16 -0.92
N HIS A 30 19.36 0.99 -1.26
CA HIS A 30 18.97 0.58 -2.60
C HIS A 30 17.49 0.96 -2.76
N ARG A 31 16.95 0.85 -3.97
CA ARG A 31 15.64 1.41 -4.29
C ARG A 31 14.56 0.36 -4.56
N ALA A 32 14.80 -0.88 -4.13
CA ALA A 32 13.78 -1.92 -4.13
C ALA A 32 12.99 -1.86 -2.84
N VAL A 33 11.74 -1.47 -2.96
CA VAL A 33 10.88 -1.21 -1.83
C VAL A 33 9.89 -2.36 -1.67
N ILE A 34 9.57 -2.72 -0.43
CA ILE A 34 8.47 -3.63 -0.20
C ILE A 34 7.19 -2.81 -0.11
N PRO A 35 6.29 -2.96 -1.10
CA PRO A 35 5.03 -2.24 -1.01
C PRO A 35 4.13 -2.92 0.03
N PRO A 36 3.06 -2.24 0.44
CA PRO A 36 2.12 -2.82 1.41
C PRO A 36 1.48 -4.10 0.88
N LEU A 37 1.55 -5.17 1.69
CA LEU A 37 0.95 -6.45 1.33
C LEU A 37 0.19 -7.05 2.51
N THR A 38 -1.14 -6.92 2.44
CA THR A 38 -2.05 -7.63 3.33
C THR A 38 -1.84 -9.15 3.27
N ARG A 39 -1.69 -9.76 4.44
CA ARG A 39 -1.43 -11.19 4.51
C ARG A 39 -2.43 -11.95 5.36
N MET A 40 -3.27 -11.24 6.10
CA MET A 40 -4.33 -11.85 6.89
C MET A 40 -3.88 -12.85 7.95
N ARG A 41 -2.72 -12.58 8.58
CA ARG A 41 -2.30 -13.36 9.75
C ARG A 41 -2.66 -12.70 11.08
N ALA A 42 -3.26 -11.52 11.06
CA ALA A 42 -3.63 -10.90 12.34
C ALA A 42 -4.76 -11.70 12.99
N LEU A 43 -4.78 -11.70 14.32
CA LEU A 43 -5.71 -12.55 15.05
C LEU A 43 -6.90 -11.80 15.62
N HIS A 44 -8.03 -12.50 15.60
CA HIS A 44 -9.31 -12.03 16.14
C HIS A 44 -9.46 -12.62 17.54
N PRO A 45 -10.04 -11.86 18.50
CA PRO A 45 -10.59 -10.52 18.34
C PRO A 45 -9.51 -9.46 18.47
N GLY A 46 -9.81 -8.27 17.98
CA GLY A 46 -8.97 -7.12 18.21
C GLY A 46 -7.96 -6.76 17.13
N ASN A 47 -7.97 -7.50 16.03
CA ASN A 47 -7.10 -7.20 14.89
C ASN A 47 -5.63 -7.10 15.32
N ILE A 48 -5.14 -8.15 15.97
CA ILE A 48 -3.81 -8.10 16.59
C ILE A 48 -2.76 -8.64 15.64
N PRO A 49 -1.69 -7.88 15.37
CA PRO A 49 -0.61 -8.46 14.56
C PRO A 49 -0.18 -9.81 15.09
N ASN A 50 0.12 -10.73 14.18
CA ASN A 50 0.28 -12.13 14.59
C ASN A 50 1.42 -12.34 15.57
N ARG A 51 1.05 -12.82 16.75
CA ARG A 51 1.96 -12.95 17.87
C ARG A 51 3.01 -14.03 17.67
N ASP A 52 2.75 -14.96 16.75
CA ASP A 52 3.67 -16.07 16.52
C ASP A 52 4.65 -15.82 15.38
N TRP A 53 4.21 -15.16 14.31
CA TRP A 53 4.96 -15.18 13.06
C TRP A 53 5.31 -13.83 12.44
N ALA A 54 4.61 -12.76 12.83
CA ALA A 54 4.78 -11.48 12.14
C ALA A 54 6.21 -10.91 12.28
N VAL A 55 6.79 -11.01 13.47
CA VAL A 55 8.17 -10.54 13.63
C VAL A 55 9.10 -11.26 12.67
N GLU A 56 8.97 -12.58 12.59
CA GLU A 56 9.85 -13.36 11.72
C GLU A 56 9.65 -13.00 10.24
N TYR A 57 8.38 -12.82 9.83
CA TYR A 57 8.06 -12.44 8.46
C TYR A 57 8.76 -11.15 8.05
N TYR A 58 8.62 -10.11 8.87
CA TYR A 58 9.26 -8.84 8.59
C TYR A 58 10.77 -8.91 8.75
N THR A 59 11.26 -9.70 9.70
CA THR A 59 12.70 -9.84 9.90
C THR A 59 13.34 -10.41 8.64
N GLN A 60 12.73 -11.46 8.10
CA GLN A 60 13.21 -12.09 6.89
C GLN A 60 13.31 -11.07 5.76
N ARG A 61 12.27 -10.27 5.60
CA ARG A 61 12.18 -9.37 4.47
C ARG A 61 12.95 -8.06 4.66
N ALA A 62 13.44 -7.87 5.89
CA ALA A 62 14.28 -6.74 6.23
C ALA A 62 15.77 -7.10 6.07
N GLN A 63 16.06 -8.34 5.67
CA GLN A 63 17.45 -8.84 5.77
C GLN A 63 18.49 -8.08 4.98
N ARG A 64 18.11 -7.50 3.84
CA ARG A 64 19.06 -6.68 3.09
C ARG A 64 19.13 -5.31 3.78
N PRO A 65 20.33 -4.94 4.25
CA PRO A 65 20.42 -3.66 4.96
C PRO A 65 19.92 -2.50 4.12
N GLY A 66 19.24 -1.55 4.76
CA GLY A 66 18.83 -0.33 4.09
C GLY A 66 17.63 -0.49 3.18
N THR A 67 16.80 -1.48 3.44
CA THR A 67 15.56 -1.71 2.69
C THR A 67 14.41 -0.91 3.29
N MET A 68 13.64 -0.24 2.44
CA MET A 68 12.41 0.39 2.87
C MET A 68 11.26 -0.60 2.81
N ILE A 69 10.61 -0.81 3.95
CA ILE A 69 9.45 -1.69 4.01
C ILE A 69 8.22 -0.85 4.32
N ILE A 70 7.18 -1.00 3.51
CA ILE A 70 5.87 -0.46 3.86
C ILE A 70 5.04 -1.64 4.38
N THR A 71 4.45 -1.50 5.57
CA THR A 71 3.70 -2.59 6.16
C THR A 71 2.45 -2.95 5.35
N GLU A 72 1.96 -4.15 5.59
CA GLU A 72 0.59 -4.48 5.25
C GLU A 72 -0.34 -3.35 5.72
N GLY A 73 -1.43 -3.14 5.01
CA GLY A 73 -2.39 -2.15 5.43
C GLY A 73 -2.86 -2.35 6.88
N ALA A 74 -2.92 -1.26 7.63
CA ALA A 74 -3.34 -1.32 9.02
C ALA A 74 -4.51 -0.38 9.26
N PHE A 75 -5.58 -0.90 9.83
CA PHE A 75 -6.78 -0.12 10.08
C PHE A 75 -6.54 0.93 11.17
N ILE A 76 -7.07 2.13 10.95
CA ILE A 76 -6.85 3.22 11.90
C ILE A 76 -7.81 3.19 13.08
N SER A 77 -8.88 2.41 12.96
CA SER A 77 -9.91 2.31 14.00
C SER A 77 -10.82 1.14 13.69
N PRO A 78 -11.65 0.72 14.65
CA PRO A 78 -12.58 -0.36 14.34
C PRO A 78 -13.50 -0.01 13.17
N GLN A 79 -14.05 1.20 13.18
CA GLN A 79 -14.94 1.64 12.10
C GLN A 79 -14.24 1.63 10.73
N ALA A 80 -12.93 1.82 10.71
CA ALA A 80 -12.15 1.80 9.45
C ALA A 80 -11.91 0.39 8.90
N GLY A 81 -12.19 -0.64 9.70
CA GLY A 81 -11.85 -2.02 9.35
C GLY A 81 -13.00 -2.80 8.76
N GLY A 82 -13.08 -4.08 9.12
CA GLY A 82 -14.11 -4.96 8.60
C GLY A 82 -13.61 -6.31 8.12
N TYR A 83 -12.28 -6.50 8.17
CA TYR A 83 -11.65 -7.78 7.94
C TYR A 83 -11.03 -8.24 9.27
N ASP A 84 -11.45 -9.40 9.76
CA ASP A 84 -11.03 -9.84 11.08
C ASP A 84 -9.55 -10.14 11.21
N ASN A 85 -8.89 -10.46 10.10
CA ASN A 85 -7.51 -10.91 10.16
C ASN A 85 -6.48 -9.95 9.58
N ALA A 86 -6.89 -8.69 9.36
CA ALA A 86 -5.97 -7.62 9.05
C ALA A 86 -5.74 -6.80 10.33
N PRO A 87 -4.51 -6.30 10.56
CA PRO A 87 -4.18 -5.64 11.81
C PRO A 87 -4.66 -4.19 11.87
N GLY A 88 -4.77 -3.70 13.10
CA GLY A 88 -5.02 -2.29 13.37
C GLY A 88 -3.85 -1.62 14.07
N VAL A 89 -3.93 -0.30 14.18
CA VAL A 89 -2.95 0.51 14.90
C VAL A 89 -3.62 1.51 15.83
N TRP A 90 -4.72 1.10 16.46
CA TRP A 90 -5.44 1.97 17.40
C TRP A 90 -5.32 1.55 18.86
N SER A 91 -4.93 0.31 19.14
CA SER A 91 -4.97 -0.19 20.52
C SER A 91 -3.60 -0.51 21.10
N GLU A 92 -3.52 -0.49 22.44
CA GLU A 92 -2.29 -0.86 23.12
C GLU A 92 -1.86 -2.28 22.76
N GLU A 93 -2.82 -3.21 22.73
CA GLU A 93 -2.53 -4.64 22.43
C GLU A 93 -1.94 -4.79 21.02
N GLN A 94 -2.44 -4.02 20.07
CA GLN A 94 -1.85 -3.99 18.73
C GLN A 94 -0.45 -3.41 18.75
N MET A 95 -0.25 -2.29 19.43
CA MET A 95 1.04 -1.60 19.33
C MET A 95 2.15 -2.36 20.02
N VAL A 96 1.81 -3.15 21.05
CA VAL A 96 2.81 -4.03 21.65
C VAL A 96 3.43 -4.92 20.58
N GLU A 97 2.60 -5.47 19.70
CA GLU A 97 3.10 -6.34 18.64
C GLU A 97 3.84 -5.56 17.56
N TRP A 98 3.33 -4.39 17.17
CA TRP A 98 3.98 -3.57 16.17
C TRP A 98 5.36 -3.12 16.65
N THR A 99 5.48 -2.77 17.93
CA THR A 99 6.76 -2.37 18.47
C THR A 99 7.82 -3.46 18.24
N LYS A 100 7.45 -4.71 18.48
CA LYS A 100 8.39 -5.81 18.28
C LYS A 100 8.81 -5.92 16.82
N ILE A 101 7.85 -5.70 15.91
CA ILE A 101 8.08 -5.77 14.47
C ILE A 101 9.03 -4.66 14.05
N PHE A 102 8.77 -3.43 14.50
CA PHE A 102 9.60 -2.30 14.10
C PHE A 102 11.02 -2.47 14.63
N ASN A 103 11.14 -2.88 15.89
CA ASN A 103 12.44 -3.15 16.47
C ASN A 103 13.24 -4.17 15.65
N ALA A 104 12.56 -5.23 15.19
CA ALA A 104 13.23 -6.30 14.47
C ALA A 104 13.73 -5.79 13.11
N ILE A 105 12.91 -4.98 12.44
CA ILE A 105 13.29 -4.41 11.16
C ILE A 105 14.49 -3.49 11.33
N HIS A 106 14.46 -2.67 12.37
CA HIS A 106 15.57 -1.75 12.63
C HIS A 106 16.85 -2.48 13.03
N GLU A 107 16.71 -3.62 13.70
CA GLU A 107 17.88 -4.40 14.05
C GLU A 107 18.59 -4.90 12.79
N LYS A 108 17.82 -5.14 11.73
CA LYS A 108 18.39 -5.53 10.43
C LYS A 108 18.86 -4.34 9.59
N LYS A 109 18.79 -3.14 10.17
CA LYS A 109 19.26 -1.91 9.55
CA LYS A 109 19.25 -1.89 9.56
C LYS A 109 18.39 -1.48 8.37
N SER A 110 17.11 -1.85 8.43
CA SER A 110 16.15 -1.46 7.43
C SER A 110 15.12 -0.53 8.06
N PHE A 111 14.09 -0.18 7.30
CA PHE A 111 13.16 0.89 7.69
C PHE A 111 11.74 0.46 7.48
N VAL A 112 10.82 1.08 8.22
CA VAL A 112 9.43 0.64 8.19
C VAL A 112 8.45 1.81 8.25
N TRP A 113 7.55 1.80 7.28
CA TRP A 113 6.51 2.79 7.11
C TRP A 113 5.16 2.08 7.24
N VAL A 114 4.30 2.58 8.11
CA VAL A 114 2.99 1.94 8.33
C VAL A 114 1.99 2.48 7.33
N GLN A 115 1.38 1.60 6.54
CA GLN A 115 0.28 2.04 5.68
C GLN A 115 -1.01 2.12 6.48
N LEU A 116 -1.64 3.30 6.43
CA LEU A 116 -2.87 3.56 7.17
C LEU A 116 -4.08 3.41 6.25
N VAL A 117 -5.01 2.55 6.67
CA VAL A 117 -6.11 2.10 5.84
C VAL A 117 -7.49 2.37 6.46
N VAL A 118 -8.40 2.83 5.59
CA VAL A 118 -9.84 2.86 5.85
C VAL A 118 -10.52 2.17 4.67
N LEU A 119 -11.32 1.15 4.96
CA LEU A 119 -11.84 0.28 3.89
C LEU A 119 -12.99 0.83 3.07
N GLY A 120 -13.87 1.61 3.67
CA GLY A 120 -15.09 2.00 2.97
C GLY A 120 -15.85 0.79 2.46
N TRP A 121 -16.28 0.86 1.20
CA TRP A 121 -17.20 -0.15 0.68
C TRP A 121 -16.60 -1.54 0.48
N ALA A 122 -15.27 -1.66 0.58
CA ALA A 122 -14.65 -2.96 0.48
C ALA A 122 -14.78 -3.80 1.77
N ALA A 123 -15.19 -3.16 2.87
CA ALA A 123 -15.35 -3.89 4.13
C ALA A 123 -16.49 -4.89 4.05
N PHE A 124 -16.49 -5.87 4.96
CA PHE A 124 -17.60 -6.82 5.05
C PHE A 124 -18.69 -6.23 5.96
N PRO A 125 -19.89 -5.95 5.41
CA PRO A 125 -20.92 -5.29 6.24
C PRO A 125 -21.40 -6.14 7.40
N ASP A 126 -21.27 -7.45 7.29
CA ASP A 126 -21.71 -8.35 8.36
C ASP A 126 -20.75 -8.33 9.55
N ASN A 127 -19.44 -8.29 9.28
CA ASN A 127 -18.48 -8.14 10.37
C ASN A 127 -18.73 -6.82 11.09
N LEU A 128 -18.96 -5.78 10.31
CA LEU A 128 -19.19 -4.45 10.88
C LEU A 128 -20.47 -4.42 11.72
N ALA A 129 -21.55 -5.02 11.23
CA ALA A 129 -22.80 -5.07 11.99
C ALA A 129 -22.62 -5.85 13.29
N ARG A 130 -21.90 -6.96 13.21
CA ARG A 130 -21.62 -7.77 14.39
C ARG A 130 -21.00 -6.90 15.49
N ASP A 131 -20.14 -5.96 15.08
CA ASP A 131 -19.38 -5.12 16.00
C ASP A 131 -20.04 -3.76 16.26
N GLY A 132 -21.25 -3.56 15.74
CA GLY A 132 -22.00 -2.33 15.98
C GLY A 132 -21.50 -1.15 15.15
N LEU A 133 -20.91 -1.44 14.00
CA LEU A 133 -20.28 -0.44 13.17
C LEU A 133 -21.02 -0.22 11.85
N ARG A 134 -20.88 0.98 11.29
CA ARG A 134 -21.49 1.33 10.01
C ARG A 134 -20.77 0.65 8.86
N TYR A 135 -21.43 0.62 7.71
CA TYR A 135 -20.84 0.23 6.44
C TYR A 135 -20.78 1.52 5.62
N ASP A 136 -19.57 2.05 5.47
CA ASP A 136 -19.34 3.40 4.97
C ASP A 136 -18.86 3.47 3.53
N SER A 137 -19.28 4.53 2.85
CA SER A 137 -18.59 4.94 1.61
C SER A 137 -18.81 6.43 1.37
N ALA A 138 -18.39 6.90 0.20
CA ALA A 138 -18.62 8.28 -0.18
C ALA A 138 -20.12 8.53 -0.38
N SER A 139 -20.80 7.55 -0.98
CA SER A 139 -22.19 7.72 -1.40
C SER A 139 -23.01 6.55 -0.95
N ASP A 140 -24.32 6.61 -1.18
CA ASP A 140 -25.20 5.54 -0.75
C ASP A 140 -26.06 5.03 -1.86
N ASN A 141 -25.74 5.42 -3.10
CA ASN A 141 -26.57 5.03 -4.23
C ASN A 141 -25.81 4.30 -5.33
N VAL A 142 -24.56 3.98 -5.05
CA VAL A 142 -23.73 3.18 -5.93
C VAL A 142 -22.95 2.22 -5.04
N PHE A 143 -22.85 0.97 -5.46
CA PHE A 143 -22.25 -0.09 -4.63
C PHE A 143 -21.11 -0.80 -5.33
N MET A 144 -20.22 -1.37 -4.54
CA MET A 144 -19.03 -2.03 -5.07
C MET A 144 -19.43 -3.15 -6.03
N ASP A 145 -20.33 -4.02 -5.57
CA ASP A 145 -20.90 -5.04 -6.42
C ASP A 145 -22.20 -5.50 -5.78
N ALA A 146 -22.95 -6.34 -6.48
CA ALA A 146 -24.27 -6.74 -6.02
C ALA A 146 -24.19 -7.55 -4.73
N GLU A 147 -23.11 -8.31 -4.58
CA GLU A 147 -22.94 -9.18 -3.43
C GLU A 147 -22.75 -8.34 -2.17
N GLN A 148 -21.92 -7.32 -2.27
CA GLN A 148 -21.69 -6.43 -1.15
C GLN A 148 -22.98 -5.69 -0.78
N GLU A 149 -23.71 -5.20 -1.78
CA GLU A 149 -24.98 -4.53 -1.52
C GLU A 149 -25.94 -5.46 -0.78
N ALA A 150 -25.96 -6.72 -1.20
CA ALA A 150 -26.85 -7.70 -0.59
C ALA A 150 -26.43 -8.09 0.82
N LYS A 151 -25.12 -8.23 1.05
CA LYS A 151 -24.62 -8.55 2.37
C LYS A 151 -24.99 -7.44 3.34
N ALA A 152 -24.90 -6.21 2.85
CA ALA A 152 -25.23 -5.04 3.66
C ALA A 152 -26.72 -5.03 4.05
N LYS A 153 -27.59 -5.33 3.10
CA LYS A 153 -29.02 -5.30 3.36
C LYS A 153 -29.39 -6.41 4.32
N LYS A 154 -28.83 -7.60 4.09
CA LYS A 154 -29.06 -8.75 4.95
C LYS A 154 -28.63 -8.48 6.41
N ALA A 155 -27.56 -7.69 6.57
CA ALA A 155 -27.00 -7.40 7.88
C ALA A 155 -27.70 -6.21 8.52
N ASN A 156 -28.71 -5.67 7.83
CA ASN A 156 -29.38 -4.45 8.24
C ASN A 156 -28.35 -3.36 8.47
N ASN A 157 -27.39 -3.33 7.55
CA ASN A 157 -26.29 -2.38 7.62
C ASN A 157 -26.05 -1.75 6.26
N PRO A 158 -27.05 -1.01 5.75
CA PRO A 158 -26.96 -0.46 4.40
C PRO A 158 -25.78 0.49 4.22
N GLN A 159 -25.24 0.52 3.00
CA GLN A 159 -24.15 1.43 2.70
C GLN A 159 -24.54 2.86 3.04
N HIS A 160 -23.66 3.52 3.79
CA HIS A 160 -23.93 4.82 4.37
C HIS A 160 -22.99 5.87 3.80
N SER A 161 -23.57 6.94 3.28
CA SER A 161 -22.82 8.10 2.83
C SER A 161 -22.37 8.94 4.02
N LEU A 162 -21.05 9.07 4.19
CA LEU A 162 -20.50 9.76 5.34
C LEU A 162 -20.97 11.20 5.42
N THR A 163 -21.30 11.61 6.64
CA THR A 163 -21.52 13.00 6.92
C THR A 163 -20.16 13.70 7.08
N LYS A 164 -20.16 15.03 7.00
CA LYS A 164 -18.96 15.81 7.20
C LYS A 164 -18.35 15.53 8.58
N ASP A 165 -19.18 15.40 9.60
CA ASP A 165 -18.72 15.11 10.96
CA ASP A 165 -18.71 15.11 10.95
C ASP A 165 -18.00 13.76 11.01
N GLU A 166 -18.52 12.78 10.29
CA GLU A 166 -17.94 11.45 10.26
C GLU A 166 -16.61 11.42 9.49
N ILE A 167 -16.52 12.24 8.45
CA ILE A 167 -15.24 12.43 7.77
C ILE A 167 -14.22 13.04 8.76
N LYS A 168 -14.67 14.03 9.53
CA LYS A 168 -13.78 14.64 10.50
C LYS A 168 -13.33 13.61 11.55
N GLN A 169 -14.23 12.70 11.91
CA GLN A 169 -13.87 11.66 12.89
C GLN A 169 -12.81 10.70 12.32
N TYR A 170 -12.96 10.29 11.07
CA TYR A 170 -11.92 9.50 10.42
C TYR A 170 -10.58 10.26 10.40
N ILE A 171 -10.62 11.57 10.13
CA ILE A 171 -9.39 12.34 10.08
C ILE A 171 -8.75 12.32 11.48
N LYS A 172 -9.54 12.48 12.54
CA LYS A 172 -9.00 12.38 13.90
C LYS A 172 -8.32 11.01 14.12
N GLU A 173 -8.94 9.95 13.62
CA GLU A 173 -8.39 8.61 13.74
C GLU A 173 -7.13 8.42 12.91
N TYR A 174 -7.07 9.00 11.71
CA TYR A 174 -5.83 8.96 10.94
C TYR A 174 -4.70 9.62 11.75
N VAL A 175 -5.00 10.79 12.31
CA VAL A 175 -4.01 11.49 13.11
C VAL A 175 -3.53 10.63 14.28
N GLN A 176 -4.45 10.03 15.03
CA GLN A 176 -4.02 9.26 16.18
C GLN A 176 -3.29 8.00 15.77
N ALA A 177 -3.71 7.39 14.65
CA ALA A 177 -3.02 6.19 14.18
C ALA A 177 -1.59 6.53 13.76
N ALA A 178 -1.41 7.68 13.11
CA ALA A 178 -0.09 8.12 12.70
C ALA A 178 0.80 8.35 13.92
N LYS A 179 0.27 9.04 14.92
CA LYS A 179 0.98 9.22 16.18
C LYS A 179 1.37 7.87 16.82
N ASN A 180 0.41 6.95 16.86
CA ASN A 180 0.67 5.66 17.47
C ASN A 180 1.83 4.97 16.77
N SER A 181 1.81 5.03 15.45
CA SER A 181 2.82 4.39 14.64
C SER A 181 4.23 4.92 14.90
N ILE A 182 4.37 6.25 14.91
CA ILE A 182 5.64 6.88 15.19
C ILE A 182 6.09 6.57 16.63
N ALA A 183 5.17 6.66 17.59
CA ALA A 183 5.54 6.43 18.98
C ALA A 183 6.05 5.01 19.25
N ALA A 184 5.53 4.05 18.49
CA ALA A 184 5.91 2.65 18.60
C ALA A 184 7.22 2.36 17.84
N GLY A 185 7.69 3.34 17.08
CA GLY A 185 9.01 3.27 16.45
C GLY A 185 9.04 3.28 14.93
N ALA A 186 7.91 3.40 14.27
CA ALA A 186 7.91 3.46 12.80
C ALA A 186 8.64 4.70 12.29
N ASP A 187 9.18 4.58 11.09
CA ASP A 187 9.92 5.67 10.45
C ASP A 187 8.99 6.65 9.74
N GLY A 188 7.77 6.21 9.45
CA GLY A 188 6.80 7.06 8.79
C GLY A 188 5.52 6.30 8.54
N VAL A 189 4.60 6.95 7.84
CA VAL A 189 3.34 6.32 7.45
C VAL A 189 3.07 6.60 5.99
N GLU A 190 2.32 5.70 5.37
CA GLU A 190 1.80 5.89 4.03
C GLU A 190 0.28 5.98 4.10
N ILE A 191 -0.27 7.08 3.57
CA ILE A 191 -1.71 7.21 3.46
C ILE A 191 -2.18 6.40 2.26
N HIS A 192 -3.02 5.41 2.50
CA HIS A 192 -3.59 4.61 1.43
C HIS A 192 -4.75 5.36 0.76
N SER A 193 -4.52 5.87 -0.45
CA SER A 193 -5.58 6.52 -1.20
C SER A 193 -5.77 5.84 -2.54
N ALA A 194 -5.47 4.54 -2.54
CA ALA A 194 -5.41 3.72 -3.76
C ALA A 194 -6.30 2.50 -3.64
N ASN A 195 -6.31 1.72 -4.71
CA ASN A 195 -6.90 0.39 -4.78
C ASN A 195 -8.36 0.29 -4.37
N GLY A 196 -9.09 1.40 -4.51
CA GLY A 196 -10.53 1.39 -4.29
C GLY A 196 -11.01 1.36 -2.85
N TYR A 197 -10.13 1.69 -1.90
CA TYR A 197 -10.55 1.82 -0.50
C TYR A 197 -11.15 3.21 -0.28
N LEU A 198 -11.42 3.62 0.96
CA LEU A 198 -12.34 4.74 1.16
C LEU A 198 -11.89 6.01 0.47
N LEU A 199 -10.62 6.37 0.66
CA LEU A 199 -10.15 7.63 0.06
C LEU A 199 -10.27 7.59 -1.46
N ASN A 200 -9.97 6.45 -2.07
CA ASN A 200 -10.08 6.29 -3.51
C ASN A 200 -11.57 6.37 -3.90
N GLN A 201 -12.45 5.88 -3.03
CA GLN A 201 -13.89 5.96 -3.30
C GLN A 201 -14.36 7.41 -3.37
N PHE A 202 -13.71 8.29 -2.60
CA PHE A 202 -13.97 9.73 -2.74
C PHE A 202 -13.35 10.32 -4.00
N LEU A 203 -12.14 9.89 -4.36
CA LEU A 203 -11.50 10.43 -5.54
C LEU A 203 -12.22 10.12 -6.86
N ASP A 204 -12.88 8.96 -6.91
CA ASP A 204 -13.39 8.43 -8.16
C ASP A 204 -14.84 8.84 -8.37
N PRO A 205 -15.16 9.39 -9.56
CA PRO A 205 -16.53 9.84 -9.81
C PRO A 205 -17.57 8.71 -9.96
N HIS A 206 -17.12 7.48 -10.11
CA HIS A 206 -18.08 6.37 -10.14
C HIS A 206 -18.65 6.17 -8.74
N SER A 207 -17.75 6.13 -7.76
CA SER A 207 -18.12 5.85 -6.38
C SER A 207 -18.53 7.08 -5.60
N ASN A 208 -18.21 8.26 -6.12
CA ASN A 208 -18.53 9.51 -5.46
C ASN A 208 -19.49 10.34 -6.30
N THR A 209 -20.77 10.26 -5.92
CA THR A 209 -21.85 11.01 -6.52
C THR A 209 -22.35 12.08 -5.56
N ARG A 210 -21.53 12.43 -4.58
CA ARG A 210 -21.91 13.47 -3.61
C ARG A 210 -22.12 14.82 -4.30
N THR A 211 -22.92 15.67 -3.68
CA THR A 211 -23.20 17.02 -4.18
C THR A 211 -22.83 18.09 -3.15
N ASP A 212 -22.17 17.67 -2.06
CA ASP A 212 -21.61 18.60 -1.11
C ASP A 212 -20.15 18.90 -1.47
N GLU A 213 -19.42 19.52 -0.55
CA GLU A 213 -18.06 19.94 -0.87
C GLU A 213 -17.09 18.78 -1.05
N TYR A 214 -17.53 17.56 -0.76
CA TYR A 214 -16.67 16.38 -0.93
C TYR A 214 -16.92 15.60 -2.21
N GLY A 215 -17.74 16.13 -3.11
CA GLY A 215 -17.87 15.55 -4.44
C GLY A 215 -18.37 16.53 -5.48
N GLY A 216 -18.50 16.04 -6.71
CA GLY A 216 -19.07 16.84 -7.79
C GLY A 216 -18.09 17.65 -8.59
N SER A 217 -16.82 17.59 -8.22
CA SER A 217 -15.76 18.20 -9.02
C SER A 217 -14.42 17.57 -8.67
N ILE A 218 -13.40 17.89 -9.45
CA ILE A 218 -12.06 17.37 -9.18
C ILE A 218 -11.57 17.80 -7.79
N GLU A 219 -11.69 19.10 -7.51
CA GLU A 219 -11.23 19.66 -6.26
CA GLU A 219 -11.17 19.59 -6.25
C GLU A 219 -11.99 19.05 -5.07
N ASN A 220 -13.29 18.90 -5.24
CA ASN A 220 -14.11 18.36 -4.19
C ASN A 220 -13.82 16.88 -3.92
N ARG A 221 -13.63 16.11 -5.00
CA ARG A 221 -13.35 14.68 -4.84
C ARG A 221 -12.00 14.44 -4.17
N ALA A 222 -11.07 15.36 -4.35
CA ALA A 222 -9.75 15.25 -3.75
C ALA A 222 -9.68 15.78 -2.33
N ARG A 223 -10.76 16.41 -1.87
CA ARG A 223 -10.73 17.14 -0.61
C ARG A 223 -10.36 16.29 0.60
N PHE A 224 -11.02 15.14 0.74
CA PHE A 224 -10.78 14.23 1.87
C PHE A 224 -9.31 13.75 1.89
N THR A 225 -8.80 13.27 0.74
CA THR A 225 -7.41 12.82 0.67
C THR A 225 -6.45 13.92 1.10
N LEU A 226 -6.68 15.13 0.62
CA LEU A 226 -5.78 16.23 0.94
C LEU A 226 -5.93 16.67 2.40
N GLU A 227 -7.12 16.53 2.97
CA GLU A 227 -7.30 16.86 4.38
CA GLU A 227 -7.33 16.82 4.39
C GLU A 227 -6.54 15.86 5.26
N VAL A 228 -6.50 14.61 4.85
CA VAL A 228 -5.74 13.61 5.59
C VAL A 228 -4.24 13.93 5.45
N VAL A 229 -3.80 14.22 4.23
CA VAL A 229 -2.41 14.61 4.04
C VAL A 229 -2.06 15.76 4.97
N ASP A 230 -2.88 16.80 4.97
CA ASP A 230 -2.55 17.98 5.74
C ASP A 230 -2.57 17.72 7.25
N ALA A 231 -3.53 16.91 7.70
CA ALA A 231 -3.62 16.59 9.10
C ALA A 231 -2.41 15.79 9.59
N LEU A 232 -1.92 14.85 8.76
CA LEU A 232 -0.76 14.06 9.16
C LEU A 232 0.54 14.85 9.06
N VAL A 233 0.67 15.68 8.03
CA VAL A 233 1.83 16.56 7.92
C VAL A 233 1.93 17.42 9.19
N GLU A 234 0.81 17.97 9.63
CA GLU A 234 0.80 18.79 10.84
C GLU A 234 1.18 17.98 12.08
N ALA A 235 0.68 16.75 12.13
CA ALA A 235 0.82 15.93 13.34
C ALA A 235 2.21 15.38 13.52
N ILE A 236 2.77 14.79 12.45
CA ILE A 236 4.06 14.09 12.56
C ILE A 236 5.12 14.57 11.57
N GLY A 237 4.79 15.50 10.69
CA GLY A 237 5.76 16.12 9.79
C GLY A 237 5.72 15.52 8.39
N HIS A 238 5.90 16.36 7.37
CA HIS A 238 5.89 15.91 5.98
C HIS A 238 6.95 14.84 5.67
N GLU A 239 8.08 14.90 6.36
CA GLU A 239 9.15 13.95 6.13
C GLU A 239 8.79 12.54 6.62
N LYS A 240 7.66 12.40 7.32
CA LYS A 240 7.20 11.10 7.83
CA LYS A 240 7.20 11.10 7.83
C LYS A 240 5.92 10.66 7.15
N VAL A 241 5.56 11.32 6.05
CA VAL A 241 4.29 11.04 5.36
C VAL A 241 4.48 10.83 3.86
N GLY A 242 3.95 9.72 3.37
CA GLY A 242 3.83 9.49 1.94
C GLY A 242 2.39 9.20 1.56
N LEU A 243 2.11 9.17 0.26
CA LEU A 243 0.74 8.98 -0.24
C LEU A 243 0.73 7.95 -1.36
N ARG A 244 -0.19 6.99 -1.30
CA ARG A 244 -0.34 6.00 -2.37
C ARG A 244 -1.59 6.22 -3.21
N LEU A 245 -1.39 6.15 -4.53
CA LEU A 245 -2.43 6.40 -5.53
C LEU A 245 -2.35 5.34 -6.60
N SER A 246 -3.48 5.00 -7.22
CA SER A 246 -3.54 4.03 -8.32
C SER A 246 -4.44 4.59 -9.44
N PRO A 247 -3.91 5.52 -10.24
CA PRO A 247 -4.78 6.26 -11.17
C PRO A 247 -5.59 5.35 -12.09
N TYR A 248 -4.99 4.26 -12.55
CA TYR A 248 -5.63 3.41 -13.55
C TYR A 248 -6.23 2.15 -12.95
N GLY A 249 -6.26 2.06 -11.62
CA GLY A 249 -6.80 0.88 -10.97
C GLY A 249 -8.28 0.66 -11.22
N VAL A 250 -8.68 -0.61 -11.36
CA VAL A 250 -10.11 -0.97 -11.41
C VAL A 250 -10.54 -1.84 -10.24
N PHE A 251 -9.57 -2.33 -9.46
CA PHE A 251 -9.87 -3.15 -8.30
C PHE A 251 -10.82 -2.40 -7.36
N ASN A 252 -11.79 -3.14 -6.82
CA ASN A 252 -12.81 -2.58 -5.92
C ASN A 252 -13.73 -1.58 -6.62
N SER A 253 -13.92 -1.81 -7.92
CA SER A 253 -14.89 -1.09 -8.74
C SER A 253 -14.54 0.39 -8.92
N MET A 254 -13.25 0.69 -9.02
CA MET A 254 -12.82 2.01 -9.45
C MET A 254 -12.87 2.13 -10.99
N SER A 255 -12.79 3.35 -11.49
CA SER A 255 -13.08 3.61 -12.90
C SER A 255 -11.97 3.25 -13.84
N GLY A 256 -10.74 3.56 -13.45
CA GLY A 256 -9.62 3.36 -14.35
C GLY A 256 -9.71 4.28 -15.57
N GLY A 257 -9.00 3.90 -16.63
CA GLY A 257 -8.88 4.72 -17.81
C GLY A 257 -10.18 4.94 -18.59
N ALA A 258 -11.17 4.10 -18.34
CA ALA A 258 -12.48 4.30 -18.96
C ALA A 258 -13.08 5.64 -18.57
N GLU A 259 -12.68 6.18 -17.43
CA GLU A 259 -13.10 7.52 -17.02
C GLU A 259 -12.14 8.54 -17.66
N THR A 260 -12.65 9.34 -18.60
CA THR A 260 -11.79 10.24 -19.35
C THR A 260 -11.22 11.36 -18.48
N GLY A 261 -11.83 11.61 -17.33
CA GLY A 261 -11.32 12.61 -16.42
C GLY A 261 -10.34 12.07 -15.39
N ILE A 262 -9.94 10.81 -15.52
CA ILE A 262 -9.16 10.20 -14.46
C ILE A 262 -7.76 10.80 -14.34
N VAL A 263 -7.08 11.05 -15.46
CA VAL A 263 -5.75 11.67 -15.37
C VAL A 263 -5.86 13.05 -14.73
N ALA A 264 -6.88 13.83 -15.12
CA ALA A 264 -7.05 15.17 -14.52
C ALA A 264 -7.21 15.08 -13.01
N GLN A 265 -8.00 14.11 -12.54
CA GLN A 265 -8.24 13.94 -11.11
C GLN A 265 -6.92 13.71 -10.36
N TYR A 266 -6.06 12.86 -10.90
CA TYR A 266 -4.81 12.53 -10.25
C TYR A 266 -3.75 13.61 -10.46
N ALA A 267 -3.74 14.23 -11.63
CA ALA A 267 -2.87 15.39 -11.87
C ALA A 267 -3.16 16.51 -10.87
N TYR A 268 -4.43 16.68 -10.53
CA TYR A 268 -4.79 17.70 -9.55
C TYR A 268 -4.17 17.37 -8.18
N VAL A 269 -4.29 16.11 -7.76
CA VAL A 269 -3.72 15.70 -6.47
C VAL A 269 -2.19 15.92 -6.47
N ALA A 270 -1.52 15.47 -7.53
CA ALA A 270 -0.10 15.67 -7.64
C ALA A 270 0.26 17.15 -7.58
N GLY A 271 -0.52 17.99 -8.24
CA GLY A 271 -0.25 19.41 -8.27
C GLY A 271 -0.36 20.02 -6.89
N GLU A 272 -1.38 19.60 -6.14
CA GLU A 272 -1.58 20.12 -4.80
C GLU A 272 -0.45 19.66 -3.87
N LEU A 273 0.07 18.46 -4.07
CA LEU A 273 1.24 18.03 -3.31
C LEU A 273 2.45 18.85 -3.66
N GLU A 274 2.66 19.15 -4.94
CA GLU A 274 3.81 19.95 -5.32
C GLU A 274 3.70 21.39 -4.77
N LYS A 275 2.49 21.93 -4.78
CA LYS A 275 2.26 23.25 -4.22
CA LYS A 275 2.24 23.25 -4.22
C LYS A 275 2.68 23.29 -2.75
N ARG A 276 2.28 22.27 -2.00
CA ARG A 276 2.66 22.17 -0.60
C ARG A 276 4.16 22.01 -0.46
N ALA A 277 4.78 21.25 -1.36
CA ALA A 277 6.22 21.06 -1.33
C ALA A 277 6.96 22.39 -1.56
N LYS A 278 6.51 23.14 -2.54
CA LYS A 278 7.15 24.42 -2.85
C LYS A 278 6.94 25.41 -1.70
N ALA A 279 5.90 25.20 -0.91
CA ALA A 279 5.63 26.04 0.26
C ALA A 279 6.29 25.51 1.54
N GLY A 280 7.14 24.50 1.40
CA GLY A 280 8.01 24.07 2.48
C GLY A 280 7.68 22.74 3.13
N LYS A 281 6.66 22.07 2.62
CA LYS A 281 6.17 20.81 3.20
C LYS A 281 6.03 19.72 2.16
N ARG A 282 7.18 19.22 1.69
CA ARG A 282 7.20 18.16 0.69
C ARG A 282 7.05 16.78 1.32
N LEU A 283 6.05 16.03 0.87
CA LEU A 283 5.87 14.66 1.32
C LEU A 283 7.13 13.84 1.03
N ALA A 284 7.35 12.84 1.87
CA ALA A 284 8.52 11.98 1.70
C ALA A 284 8.52 11.30 0.33
N PHE A 285 7.33 10.91 -0.14
CA PHE A 285 7.20 10.24 -1.42
C PHE A 285 5.76 10.16 -1.89
N VAL A 286 5.61 9.94 -3.19
CA VAL A 286 4.35 9.52 -3.79
C VAL A 286 4.58 8.10 -4.32
N HIS A 287 3.63 7.21 -4.01
CA HIS A 287 3.71 5.80 -4.38
C HIS A 287 2.59 5.55 -5.37
N LEU A 288 2.95 5.08 -6.56
CA LEU A 288 2.00 4.86 -7.64
C LEU A 288 1.89 3.39 -7.98
N VAL A 289 0.66 2.89 -8.10
CA VAL A 289 0.44 1.59 -8.70
C VAL A 289 0.37 1.83 -10.20
N GLU A 290 1.14 1.05 -10.95
CA GLU A 290 1.21 1.21 -12.39
C GLU A 290 0.01 0.62 -13.12
N PRO A 291 -0.30 1.14 -14.32
CA PRO A 291 -1.34 0.53 -15.15
C PRO A 291 -0.97 -0.89 -15.60
N ARG A 292 0.28 -1.29 -15.35
CA ARG A 292 0.73 -2.65 -15.55
C ARG A 292 -0.10 -3.66 -14.76
N VAL A 293 -0.65 -3.20 -13.63
CA VAL A 293 -1.48 -4.05 -12.77
C VAL A 293 -2.69 -3.24 -12.30
N THR A 294 -3.83 -3.41 -12.98
CA THR A 294 -5.05 -2.71 -12.59
C THR A 294 -5.83 -3.47 -11.52
N ASN A 295 -5.45 -4.72 -11.31
CA ASN A 295 -6.05 -5.57 -10.29
C ASN A 295 -4.96 -6.56 -9.83
N PRO A 296 -4.53 -6.46 -8.56
CA PRO A 296 -3.36 -7.22 -8.12
C PRO A 296 -3.64 -8.67 -7.81
N PHE A 297 -4.90 -9.09 -7.95
CA PHE A 297 -5.26 -10.50 -7.82
C PHE A 297 -5.42 -11.20 -9.16
N LEU A 298 -4.99 -10.55 -10.23
CA LEU A 298 -4.86 -11.20 -11.53
C LEU A 298 -3.39 -11.50 -11.76
N THR A 299 -3.11 -12.66 -12.32
CA THR A 299 -1.76 -13.08 -12.66
C THR A 299 -1.03 -12.02 -13.49
N GLU A 300 0.27 -11.86 -13.22
CA GLU A 300 1.10 -10.90 -13.93
C GLU A 300 0.88 -11.00 -15.43
N GLY A 301 0.63 -9.84 -16.06
CA GLY A 301 0.36 -9.77 -17.47
C GLY A 301 -1.12 -9.63 -17.80
N GLU A 302 -1.98 -10.03 -16.87
CA GLU A 302 -3.43 -9.87 -17.01
C GLU A 302 -3.85 -8.53 -16.42
N GLY A 303 -4.96 -7.99 -16.91
CA GLY A 303 -5.46 -6.73 -16.43
C GLY A 303 -4.48 -5.58 -16.65
N GLU A 304 -3.64 -5.66 -17.69
CA GLU A 304 -2.76 -4.54 -18.02
C GLU A 304 -3.56 -3.53 -18.82
N TYR A 305 -3.49 -2.27 -18.43
CA TYR A 305 -4.08 -1.18 -19.21
C TYR A 305 -2.98 -0.52 -20.03
N GLU A 306 -3.13 -0.57 -21.35
CA GLU A 306 -2.12 -0.02 -22.24
C GLU A 306 -2.44 1.39 -22.70
N GLY A 307 -3.59 1.92 -22.32
CA GLY A 307 -4.05 3.22 -22.80
C GLY A 307 -3.66 4.40 -21.93
N GLY A 308 -2.85 4.15 -20.92
CA GLY A 308 -2.37 5.23 -20.07
C GLY A 308 -1.03 4.95 -19.44
N SER A 309 -0.38 6.03 -19.04
CA SER A 309 0.90 6.02 -18.36
C SER A 309 0.82 6.89 -17.11
N ASN A 310 1.60 6.52 -16.10
CA ASN A 310 1.76 7.36 -14.91
C ASN A 310 2.83 8.44 -15.10
N ASP A 311 3.48 8.48 -16.26
CA ASP A 311 4.59 9.40 -16.44
C ASP A 311 4.19 10.86 -16.19
N PHE A 312 2.92 11.19 -16.45
CA PHE A 312 2.41 12.54 -16.20
C PHE A 312 2.74 13.05 -14.81
N VAL A 313 2.75 12.16 -13.82
CA VAL A 313 2.96 12.59 -12.46
C VAL A 313 4.31 13.30 -12.31
N TYR A 314 5.28 12.84 -13.09
CA TYR A 314 6.64 13.37 -13.01
C TYR A 314 6.75 14.81 -13.53
N SER A 315 5.83 15.23 -14.40
CA SER A 315 5.81 16.62 -14.87
C SER A 315 5.28 17.54 -13.79
N ILE A 316 4.67 16.96 -12.75
CA ILE A 316 3.94 17.73 -11.74
C ILE A 316 4.63 17.66 -10.38
N TRP A 317 4.66 16.46 -9.81
CA TRP A 317 5.33 16.18 -8.55
C TRP A 317 6.81 15.98 -8.78
N LYS A 318 7.64 16.65 -7.99
CA LYS A 318 9.08 16.68 -8.25
C LYS A 318 9.91 15.94 -7.18
N GLY A 319 9.21 15.20 -6.31
CA GLY A 319 9.87 14.43 -5.27
C GLY A 319 10.02 12.97 -5.65
N PRO A 320 10.39 12.13 -4.68
CA PRO A 320 10.53 10.71 -4.96
C PRO A 320 9.22 10.07 -5.38
N VAL A 321 9.32 9.12 -6.30
CA VAL A 321 8.18 8.34 -6.77
C VAL A 321 8.54 6.86 -6.68
N ILE A 322 7.71 6.12 -5.94
CA ILE A 322 7.81 4.66 -5.93
C ILE A 322 6.77 4.15 -6.91
N ARG A 323 7.19 3.27 -7.82
CA ARG A 323 6.29 2.64 -8.80
CA ARG A 323 6.27 2.66 -8.77
C ARG A 323 6.20 1.16 -8.52
N ALA A 324 4.99 0.61 -8.54
CA ALA A 324 4.78 -0.82 -8.29
C ALA A 324 3.89 -1.42 -9.35
N GLY A 325 4.19 -2.65 -9.76
CA GLY A 325 3.29 -3.42 -10.60
C GLY A 325 4.00 -4.24 -11.67
N ASN A 326 4.10 -5.53 -11.41
CA ASN A 326 4.69 -6.50 -12.34
C ASN A 326 6.10 -6.13 -12.77
N PHE A 327 6.94 -5.71 -11.82
CA PHE A 327 8.33 -5.40 -12.13
C PHE A 327 9.31 -6.55 -11.88
N ALA A 328 8.97 -7.49 -11.00
CA ALA A 328 9.89 -8.58 -10.68
C ALA A 328 10.22 -9.43 -11.93
N LEU A 329 9.21 -9.65 -12.75
CA LEU A 329 9.38 -10.50 -13.92
C LEU A 329 9.86 -9.71 -15.14
N HIS A 330 10.16 -8.42 -14.91
CA HIS A 330 10.50 -7.51 -16.01
C HIS A 330 11.67 -6.59 -15.69
N PRO A 331 12.83 -7.21 -15.43
CA PRO A 331 14.01 -6.39 -15.16
C PRO A 331 14.33 -5.44 -16.30
N GLU A 332 13.92 -5.77 -17.53
CA GLU A 332 14.21 -4.94 -18.67
C GLU A 332 13.44 -3.63 -18.55
N VAL A 333 12.28 -3.67 -17.91
CA VAL A 333 11.47 -2.47 -17.74
C VAL A 333 12.07 -1.65 -16.59
N VAL A 334 12.42 -2.32 -15.50
CA VAL A 334 13.02 -1.65 -14.35
C VAL A 334 14.29 -0.93 -14.75
N ARG A 335 15.13 -1.62 -15.53
CA ARG A 335 16.37 -1.00 -16.04
C ARG A 335 16.10 0.35 -16.69
N GLU A 336 15.01 0.47 -17.45
CA GLU A 336 14.70 1.74 -18.08
C GLU A 336 14.11 2.74 -17.08
N GLU A 337 13.19 2.29 -16.21
CA GLU A 337 12.54 3.22 -15.29
C GLU A 337 13.51 3.84 -14.30
N VAL A 338 14.48 3.08 -13.80
CA VAL A 338 15.35 3.61 -12.76
C VAL A 338 16.41 4.55 -13.31
N LYS A 339 16.49 4.71 -14.63
CA LYS A 339 17.33 5.76 -15.18
C LYS A 339 16.90 7.12 -14.66
N ASP A 340 15.62 7.27 -14.35
CA ASP A 340 15.19 8.46 -13.63
C ASP A 340 15.67 8.37 -12.19
N LYS A 341 16.36 9.41 -11.73
CA LYS A 341 17.10 9.35 -10.48
C LYS A 341 16.26 9.53 -9.22
N ARG A 342 14.95 9.75 -9.34
CA ARG A 342 14.09 9.81 -8.15
C ARG A 342 13.01 8.73 -8.17
N THR A 343 13.26 7.67 -8.92
CA THR A 343 12.33 6.54 -9.06
C THR A 343 12.76 5.33 -8.28
N LEU A 344 11.86 4.83 -7.44
CA LEU A 344 12.07 3.57 -6.71
C LEU A 344 11.07 2.57 -7.23
N ILE A 345 11.36 1.29 -7.01
CA ILE A 345 10.52 0.22 -7.53
C ILE A 345 10.01 -0.64 -6.40
N GLY A 346 8.69 -0.75 -6.31
CA GLY A 346 8.06 -1.62 -5.36
C GLY A 346 7.83 -2.99 -5.97
N TYR A 347 8.20 -4.03 -5.22
CA TYR A 347 8.07 -5.40 -5.65
C TYR A 347 7.17 -6.10 -4.62
N GLY A 348 5.96 -6.44 -5.03
CA GLY A 348 4.97 -6.98 -4.12
C GLY A 348 4.96 -8.50 -4.03
N ARG A 349 4.28 -9.14 -4.97
CA ARG A 349 4.09 -10.58 -4.92
C ARG A 349 5.37 -11.38 -4.83
N PHE A 350 6.42 -10.93 -5.49
CA PHE A 350 7.66 -11.68 -5.43
C PHE A 350 8.49 -11.40 -4.17
N PHE A 351 8.12 -10.36 -3.41
CA PHE A 351 8.65 -10.22 -2.06
C PHE A 351 7.93 -11.14 -1.07
N ILE A 352 6.70 -11.51 -1.37
CA ILE A 352 6.03 -12.55 -0.59
C ILE A 352 6.84 -13.83 -0.67
N SER A 353 7.26 -14.21 -1.88
CA SER A 353 7.89 -15.52 -2.06
C SER A 353 9.40 -15.51 -1.98
N ASN A 354 10.02 -14.33 -1.99
CA ASN A 354 11.50 -14.23 -1.95
C ASN A 354 11.95 -13.30 -0.85
N PRO A 355 12.25 -13.85 0.34
CA PRO A 355 12.64 -12.94 1.42
C PRO A 355 13.94 -12.20 1.10
N ASP A 356 14.80 -12.83 0.31
CA ASP A 356 16.06 -12.23 -0.10
C ASP A 356 15.94 -11.69 -1.53
N LEU A 357 14.79 -11.10 -1.84
CA LEU A 357 14.58 -10.61 -3.21
C LEU A 357 15.65 -9.62 -3.64
N VAL A 358 16.08 -8.75 -2.73
CA VAL A 358 17.02 -7.70 -3.14
C VAL A 358 18.33 -8.31 -3.65
N ASP A 359 18.90 -9.27 -2.93
CA ASP A 359 20.08 -9.98 -3.40
C ASP A 359 19.85 -10.56 -4.80
N ARG A 360 18.68 -11.17 -4.99
CA ARG A 360 18.35 -11.79 -6.26
C ARG A 360 18.28 -10.79 -7.40
N LEU A 361 17.78 -9.59 -7.11
CA LEU A 361 17.73 -8.53 -8.11
C LEU A 361 19.13 -8.04 -8.45
N GLU A 362 19.95 -7.81 -7.43
CA GLU A 362 21.32 -7.34 -7.64
C GLU A 362 22.09 -8.33 -8.53
N LYS A 363 21.94 -9.61 -8.22
CA LYS A 363 22.82 -10.66 -8.74
C LYS A 363 22.23 -11.44 -9.91
N GLY A 364 20.98 -11.14 -10.26
CA GLY A 364 20.34 -11.79 -11.40
C GLY A 364 20.08 -13.27 -11.15
N LEU A 365 19.51 -13.56 -9.99
CA LEU A 365 19.24 -14.93 -9.56
C LEU A 365 17.79 -15.34 -9.87
N PRO A 366 17.54 -16.66 -9.99
CA PRO A 366 16.16 -17.12 -10.18
C PRO A 366 15.28 -16.68 -9.03
N LEU A 367 13.98 -16.60 -9.29
CA LEU A 367 13.00 -16.17 -8.29
C LEU A 367 12.16 -17.37 -7.85
N ASN A 368 11.90 -17.47 -6.55
CA ASN A 368 10.91 -18.43 -6.06
C ASN A 368 9.55 -18.08 -6.62
N LYS A 369 8.87 -19.09 -7.17
CA LYS A 369 7.46 -18.99 -7.50
C LYS A 369 6.66 -18.73 -6.23
N TYR A 370 5.65 -17.88 -6.33
CA TYR A 370 4.74 -17.68 -5.22
C TYR A 370 3.55 -18.63 -5.28
N ASP A 371 2.92 -18.79 -4.13
CA ASP A 371 1.71 -19.59 -4.00
CA ASP A 371 1.74 -19.60 -3.96
C ASP A 371 0.58 -18.69 -3.58
N ARG A 372 -0.23 -18.30 -4.56
CA ARG A 372 -1.30 -17.35 -4.31
C ARG A 372 -2.32 -17.85 -3.29
N ASP A 373 -2.44 -19.17 -3.17
CA ASP A 373 -3.43 -19.73 -2.26
C ASP A 373 -3.16 -19.39 -0.81
N THR A 374 -1.90 -19.10 -0.49
CA THR A 374 -1.53 -18.74 0.88
C THR A 374 -1.19 -17.25 1.06
N PHE A 375 -1.52 -16.44 0.06
CA PHE A 375 -1.38 -14.99 0.20
C PHE A 375 -2.17 -14.52 1.43
N TYR A 376 -3.39 -15.02 1.53
CA TYR A 376 -4.26 -14.80 2.68
C TYR A 376 -4.50 -16.17 3.29
N GLN A 377 -3.99 -16.39 4.49
CA GLN A 377 -4.14 -17.68 5.16
C GLN A 377 -3.68 -17.48 6.59
N MET A 378 -4.27 -18.22 7.52
CA MET A 378 -3.82 -18.17 8.90
C MET A 378 -2.76 -19.24 9.08
N SER A 379 -1.58 -18.99 8.51
CA SER A 379 -0.52 -19.99 8.56
C SER A 379 0.87 -19.39 8.42
N ALA A 380 1.84 -20.07 9.05
CA ALA A 380 3.25 -19.79 8.82
C ALA A 380 3.63 -20.25 7.41
N HIS A 381 2.97 -21.32 6.97
CA HIS A 381 3.19 -21.84 5.61
C HIS A 381 2.75 -20.82 4.56
N GLY A 382 3.63 -20.55 3.60
CA GLY A 382 3.36 -19.53 2.61
C GLY A 382 3.52 -18.12 3.16
N TYR A 383 4.16 -18.01 4.33
CA TYR A 383 4.36 -16.72 4.98
C TYR A 383 5.83 -16.59 5.42
N ILE A 384 6.31 -17.51 6.25
CA ILE A 384 7.69 -17.48 6.74
C ILE A 384 8.55 -18.67 6.32
N ASP A 385 8.03 -19.52 5.44
CA ASP A 385 8.79 -20.72 5.05
C ASP A 385 9.20 -20.72 3.58
N TYR A 386 9.12 -19.56 2.93
CA TYR A 386 9.73 -19.45 1.61
C TYR A 386 11.25 -19.33 1.79
N PRO A 387 12.04 -20.10 1.02
CA PRO A 387 13.49 -20.12 1.26
C PRO A 387 14.25 -18.96 0.61
N THR A 388 15.38 -18.61 1.20
CA THR A 388 16.35 -17.76 0.51
C THR A 388 16.93 -18.54 -0.65
N TYR A 389 17.71 -17.86 -1.48
CA TYR A 389 18.30 -18.51 -2.64
C TYR A 389 19.17 -19.71 -2.23
N GLU A 390 19.98 -19.55 -1.19
CA GLU A 390 20.86 -20.59 -0.72
C GLU A 390 20.04 -21.78 -0.24
N GLU A 391 19.02 -21.51 0.55
CA GLU A 391 18.26 -22.64 1.05
CA GLU A 391 18.14 -22.55 1.09
C GLU A 391 17.46 -23.31 -0.06
N ALA A 392 17.06 -22.57 -1.08
CA ALA A 392 16.43 -23.17 -2.26
C ALA A 392 17.42 -24.08 -3.00
N LEU A 393 18.66 -23.64 -3.16
CA LEU A 393 19.68 -24.52 -3.74
C LEU A 393 19.82 -25.83 -2.96
N LYS A 394 19.82 -25.72 -1.64
CA LYS A 394 19.94 -26.90 -0.80
C LYS A 394 18.75 -27.84 -0.96
N LEU A 395 17.58 -27.29 -1.30
CA LEU A 395 16.39 -28.10 -1.54
C LEU A 395 16.36 -28.68 -2.95
N GLY A 396 17.34 -28.33 -3.77
CA GLY A 396 17.46 -28.90 -5.10
C GLY A 396 16.70 -28.14 -6.17
N TRP A 397 16.31 -26.90 -5.89
CA TRP A 397 15.46 -26.15 -6.81
C TRP A 397 16.16 -25.71 -8.09
N ASP A 398 17.49 -25.71 -8.10
CA ASP A 398 18.23 -25.38 -9.33
C ASP A 398 18.10 -26.55 -10.32
N LYS A 399 17.40 -27.61 -9.91
CA LYS A 399 17.16 -28.80 -10.74
C LYS A 399 15.76 -29.42 -10.55
N LYS A 400 14.79 -28.61 -10.15
CA LYS A 400 13.41 -29.09 -9.94
C LYS A 400 12.47 -28.46 -10.99
N1 FMN B . -1.69 -2.64 -1.71
C2 FMN B . -1.89 -1.73 -0.72
O2 FMN B . -1.85 -0.54 -0.95
N3 FMN B . -2.15 -2.16 0.55
C4 FMN B . -2.21 -3.51 0.85
O4 FMN B . -2.43 -3.84 2.02
C4A FMN B . -2.03 -4.44 -0.18
N5 FMN B . -2.10 -5.79 0.06
C5A FMN B . -1.86 -6.68 -0.96
C6 FMN B . -1.92 -8.04 -0.71
C7 FMN B . -1.71 -8.97 -1.72
C7M FMN B . -1.76 -10.44 -1.40
C8 FMN B . -1.42 -8.50 -3.01
C8M FMN B . -1.16 -9.47 -4.13
C9 FMN B . -1.34 -7.14 -3.26
C9A FMN B . -1.58 -6.22 -2.24
N10 FMN B . -1.52 -4.85 -2.50
C10 FMN B . -1.75 -3.98 -1.46
C1' FMN B . -1.13 -4.32 -3.85
C2' FMN B . 0.43 -4.37 -3.90
O2' FMN B . 1.02 -3.46 -2.97
C3' FMN B . 1.03 -4.07 -5.28
O3' FMN B . 0.66 -2.76 -5.66
C4' FMN B . 0.57 -5.06 -6.34
O4' FMN B . 0.61 -6.37 -5.81
C5' FMN B . 1.36 -4.97 -7.64
O5' FMN B . 2.76 -5.18 -7.44
P FMN B . 3.40 -6.59 -7.79
O1P FMN B . 3.09 -6.94 -9.24
O2P FMN B . 2.81 -7.65 -6.86
O3P FMN B . 4.91 -6.38 -7.60
HN3 FMN B . -2.31 -1.46 1.31
H6 FMN B . -2.15 -8.40 0.30
HM71 FMN B . -1.54 -11.03 -2.29
HM72 FMN B . -2.75 -10.70 -1.03
HM73 FMN B . -1.01 -10.67 -0.62
HM81 FMN B . -0.94 -8.92 -5.05
HM82 FMN B . -0.31 -10.11 -3.89
HM83 FMN B . -2.05 -10.09 -4.29
H9 FMN B . -1.09 -6.80 -4.25
H1'1 FMN B . -1.55 -4.94 -4.64
H1'2 FMN B . -1.48 -3.29 -3.98
H2' FMN B . 0.74 -5.38 -3.62
HO2' FMN B . 1.65 -2.87 -3.44
H3' FMN B . 2.12 -4.13 -5.21
HO3' FMN B . 0.18 -2.80 -6.52
H4' FMN B . -0.47 -4.83 -6.57
HO4' FMN B . 1.15 -6.95 -6.39
H5'1 FMN B . 0.98 -5.71 -8.34
H5'2 FMN B . 1.20 -3.98 -8.07
CL CL C . -13.04 -11.33 7.71
CL CL D . 9.15 9.97 -16.60
CAG 07V E . -5.46 -3.07 0.82
CAJ 07V E . -5.16 -3.16 -0.64
OAD 07V E . -4.87 -2.14 -1.23
CAI 07V E . -5.27 -4.46 -1.39
CAC 07V E . -5.07 -4.53 -2.85
CAE 07V E . -5.65 -5.69 -0.61
CAF 07V E . -5.70 -5.59 0.87
CAK 07V E . -6.18 -4.26 1.41
CAH 07V E . -6.22 -4.23 2.94
CAB 07V E . -5.58 -3.16 3.73
CAA 07V E . -6.87 -5.21 3.62
H1 07V E . -6.05 -2.18 1.00
H2 07V E . -4.52 -2.97 1.35
H3 07V E . -4.02 -4.43 -3.08
H4 07V E . -5.62 -3.73 -3.33
H5 07V E . -5.43 -5.48 -3.22
H6 07V E . -5.99 -6.58 -1.12
H7 07V E . -6.37 -6.35 1.23
H8 07V E . -4.72 -5.78 1.26
H9 07V E . -7.21 -4.17 1.09
H10 07V E . -5.61 -2.24 3.17
H11 07V E . -6.12 -3.03 4.66
H12 07V E . -4.55 -3.43 3.93
H13 07V E . -7.35 -6.02 3.08
H14 07V E . -6.90 -5.20 4.70
NA NA F . -10.29 -12.81 0.14
NA NA G . 4.49 -21.59 14.98
C1 PGE H . 3.09 -23.34 12.44
O1 PGE H . 4.28 -23.81 13.03
C2 PGE H . 1.94 -23.67 13.37
O2 PGE H . 2.18 -22.96 14.55
C3 PGE H . 1.09 -22.94 15.44
C4 PGE H . 1.35 -21.82 16.43
O4 PGE H . 5.02 -21.51 17.75
C6 PGE H . 4.09 -21.50 18.81
C5 PGE H . 2.72 -21.24 18.23
O3 PGE H . 2.49 -22.15 17.18
OH2 1PE I . -10.21 -15.44 1.98
C12 1PE I . -9.92 -14.08 2.20
C22 1PE I . -10.68 -13.55 3.40
OH3 1PE I . -10.35 -12.18 3.50
C13 1PE I . -10.91 -10.11 2.58
C23 1PE I . -11.43 -11.32 3.30
OH4 1PE I . -11.15 -10.36 1.23
C14 1PE I . -11.55 -9.63 -0.94
C24 1PE I . -11.59 -9.24 0.52
OH5 1PE I . -10.25 -10.00 -1.23
C15 1PE I . -8.71 -10.95 -2.78
C25 1PE I . -10.08 -10.35 -2.58
OH6 1PE I . -8.69 -12.24 -2.22
C16 1PE I . -7.54 -14.23 -1.68
C26 1PE I . -7.41 -12.81 -2.19
OH7 1PE I . -8.47 -14.89 -2.48
#